data_4N03
#
_entry.id   4N03
#
_cell.length_a   63.409
_cell.length_b   40.303
_cell.length_c   72.557
_cell.angle_alpha   90.000
_cell.angle_beta   90.600
_cell.angle_gamma   90.000
#
_symmetry.space_group_name_H-M   'P 1 21 1'
#
loop_
_entity.id
_entity.type
_entity.pdbx_description
1 polymer 'ABC-type branched-chain amino acid transport systems periplasmic component-like protein'
2 non-polymer 'PALMITIC ACID'
3 non-polymer 1,2-ETHANEDIOL
4 water water
#
_entity_poly.entity_id   1
_entity_poly.type   'polypeptide(L)'
_entity_poly.pdbx_seq_one_letter_code
;SNAAGCSSDKATGGSEATGPDGVKQGPGVTDKTIKLGIATDLTGVYAPLGKSITQAQQLYYEEVNQRGGVCGRTIEAVVR
DHGYDPQKAVSIYTELNNNVLAIPHFLGSP(MSE)VSAVKQRIESDK(MSE)FTIPSAWTTALLGSKYIQVTGTTYDVD
(MSE)INGVQWL(MSE)DKKLIKKGDKLGHVYFEGDYGGSALRGTKYAAEQLGLEVFELPIKPTDRD(MSE)KSQVAALA
KEKVDAILLSAGPQQAASLAGIARSQG(MSE)KQPILGSNSAYSPQLLATPAKPALVEGFFIATAGAP(MSE)SADLPAI
KKLAEAYSKKYPKDPLDSGVVNGYGGASIVVSALEKACANKDLTREGLINAHRSEANADDGLGTP(MSE)NFTYFDKPAT
RKTYIIKPDEKATGGAVIVEQAFESELAKNYQVPVGTF
;
_entity_poly.pdbx_strand_id   A
#
# COMPACT_ATOMS: atom_id res chain seq x y z
N ALA A 17 -5.80 -21.65 26.19
CA ALA A 17 -6.40 -20.29 26.10
C ALA A 17 -5.73 -19.28 27.04
N THR A 18 -5.08 -19.69 28.15
CA THR A 18 -4.27 -18.75 28.90
C THR A 18 -2.91 -19.37 29.09
N GLY A 19 -1.91 -18.62 28.74
CA GLY A 19 -0.55 -19.10 28.87
C GLY A 19 -0.09 -19.07 30.29
N PRO A 20 1.09 -19.65 30.50
CA PRO A 20 1.60 -19.73 31.87
C PRO A 20 2.05 -18.41 32.47
N ASP A 21 2.16 -17.39 31.62
CA ASP A 21 2.40 -16.04 32.07
C ASP A 21 1.09 -15.28 32.36
N GLY A 22 -0.05 -15.97 32.30
CA GLY A 22 -1.37 -15.32 32.50
C GLY A 22 -1.93 -14.55 31.30
N VAL A 23 -1.29 -14.66 30.15
CA VAL A 23 -1.73 -13.95 28.98
C VAL A 23 -2.72 -14.81 28.21
N LYS A 24 -3.89 -14.21 27.93
CA LYS A 24 -4.89 -14.89 27.11
CA LYS A 24 -4.89 -14.88 27.12
C LYS A 24 -4.39 -15.07 25.68
N GLN A 25 -4.63 -16.25 25.14
CA GLN A 25 -4.08 -16.63 23.84
C GLN A 25 -5.21 -16.91 22.83
N GLY A 26 -5.29 -16.08 21.80
CA GLY A 26 -6.25 -16.31 20.74
C GLY A 26 -5.71 -17.25 19.69
N PRO A 27 -6.43 -17.36 18.58
CA PRO A 27 -5.93 -18.19 17.46
C PRO A 27 -4.53 -17.80 17.03
N GLY A 28 -3.70 -18.79 16.73
CA GLY A 28 -2.35 -18.52 16.33
C GLY A 28 -1.38 -18.18 17.46
N VAL A 29 -1.84 -18.18 18.71
CA VAL A 29 -1.00 -17.81 19.82
C VAL A 29 -0.83 -19.02 20.71
N THR A 30 0.42 -19.37 20.99
CA THR A 30 0.74 -20.42 21.95
C THR A 30 1.57 -19.83 23.04
N ASP A 31 2.05 -20.70 23.95
CA ASP A 31 2.89 -20.25 25.05
CA ASP A 31 2.94 -20.32 25.06
C ASP A 31 4.26 -19.69 24.61
N LYS A 32 4.69 -19.98 23.39
CA LYS A 32 6.03 -19.54 22.92
CA LYS A 32 6.02 -19.54 22.93
C LYS A 32 6.02 -18.79 21.59
N THR A 33 4.84 -18.70 20.93
CA THR A 33 4.77 -18.21 19.54
CA THR A 33 4.77 -18.22 19.54
C THR A 33 3.50 -17.42 19.27
N ILE A 34 3.67 -16.43 18.40
CA ILE A 34 2.55 -15.67 17.84
C ILE A 34 2.68 -15.83 16.31
N LYS A 35 1.71 -16.51 15.70
CA LYS A 35 1.66 -16.71 14.26
CA LYS A 35 1.68 -16.71 14.26
C LYS A 35 0.85 -15.63 13.58
N LEU A 36 1.44 -15.00 12.58
CA LEU A 36 0.82 -13.97 11.78
C LEU A 36 0.74 -14.44 10.36
N GLY A 37 -0.28 -14.04 9.62
CA GLY A 37 -0.43 -14.39 8.23
C GLY A 37 -0.10 -13.26 7.29
N ILE A 38 0.47 -13.62 6.15
CA ILE A 38 0.80 -12.72 5.07
C ILE A 38 0.20 -13.30 3.80
N ALA A 39 -0.66 -12.54 3.12
CA ALA A 39 -1.27 -12.93 1.82
C ALA A 39 -0.87 -11.88 0.81
N THR A 40 0.03 -12.20 -0.10
CA THR A 40 0.66 -11.23 -0.93
C THR A 40 0.66 -11.69 -2.39
N ASP A 41 1.25 -10.86 -3.26
CA ASP A 41 1.51 -11.24 -4.63
C ASP A 41 3.01 -11.37 -4.82
N LEU A 42 3.46 -12.59 -5.07
CA LEU A 42 4.86 -12.89 -5.38
C LEU A 42 5.09 -13.23 -6.82
N THR A 43 4.04 -13.35 -7.63
CA THR A 43 4.13 -13.91 -8.97
C THR A 43 3.41 -13.14 -10.06
N GLY A 44 2.41 -12.33 -9.71
CA GLY A 44 1.63 -11.56 -10.66
C GLY A 44 2.17 -10.20 -10.93
N VAL A 45 1.27 -9.28 -11.28
CA VAL A 45 1.67 -7.94 -11.68
CA VAL A 45 1.68 -7.94 -11.67
C VAL A 45 2.43 -7.19 -10.56
N TYR A 46 2.20 -7.55 -9.31
CA TYR A 46 2.88 -6.88 -8.19
C TYR A 46 4.04 -7.69 -7.60
N ALA A 47 4.46 -8.76 -8.25
CA ALA A 47 5.52 -9.65 -7.73
C ALA A 47 6.71 -8.95 -7.04
N PRO A 48 7.37 -7.97 -7.67
CA PRO A 48 8.59 -7.49 -6.98
C PRO A 48 8.22 -6.67 -5.73
N LEU A 49 7.06 -6.00 -5.77
CA LEU A 49 6.62 -5.17 -4.64
C LEU A 49 6.10 -6.05 -3.52
N GLY A 50 5.37 -7.11 -3.82
CA GLY A 50 4.96 -8.03 -2.78
C GLY A 50 6.15 -8.68 -2.10
N LYS A 51 7.19 -9.03 -2.87
CA LYS A 51 8.42 -9.55 -2.29
C LYS A 51 9.04 -8.57 -1.35
N SER A 52 9.14 -7.29 -1.76
CA SER A 52 9.75 -6.29 -0.91
C SER A 52 8.98 -6.10 0.37
N ILE A 53 7.65 -6.00 0.26
CA ILE A 53 6.81 -5.80 1.44
C ILE A 53 6.98 -6.96 2.43
N THR A 54 6.92 -8.15 1.87
CA THR A 54 7.00 -9.38 2.66
C THR A 54 8.36 -9.50 3.35
N GLN A 55 9.42 -9.22 2.61
CA GLN A 55 10.75 -9.28 3.18
C GLN A 55 10.98 -8.24 4.21
N ALA A 56 10.43 -7.03 4.03
CA ALA A 56 10.57 -6.00 5.02
C ALA A 56 9.86 -6.32 6.32
N GLN A 57 8.69 -6.95 6.21
CA GLN A 57 7.98 -7.45 7.39
C GLN A 57 8.86 -8.50 8.10
N GLN A 58 9.40 -9.45 7.36
CA GLN A 58 10.23 -10.49 7.97
CA GLN A 58 10.27 -10.44 7.97
C GLN A 58 11.48 -9.83 8.67
N LEU A 59 12.05 -8.81 8.08
CA LEU A 59 13.15 -8.11 8.71
C LEU A 59 12.74 -7.53 10.06
N TYR A 60 11.61 -6.86 10.09
CA TYR A 60 11.11 -6.29 11.34
C TYR A 60 10.90 -7.41 12.40
N TYR A 61 10.21 -8.49 12.02
CA TYR A 61 9.89 -9.54 12.97
C TYR A 61 11.18 -10.21 13.46
N GLU A 62 12.16 -10.40 12.59
CA GLU A 62 13.47 -10.94 13.02
C GLU A 62 14.09 -10.01 14.07
N GLU A 63 14.15 -8.72 13.83
CA GLU A 63 14.69 -7.76 14.80
C GLU A 63 13.96 -7.86 16.15
N VAL A 64 12.63 -7.97 16.11
CA VAL A 64 11.85 -8.15 17.31
C VAL A 64 12.18 -9.45 18.02
N ASN A 65 12.26 -10.53 17.27
CA ASN A 65 12.62 -11.85 17.85
C ASN A 65 13.99 -11.87 18.48
N GLN A 66 14.93 -11.21 17.82
CA GLN A 66 16.30 -11.05 18.39
CA GLN A 66 16.28 -11.15 18.41
C GLN A 66 16.26 -10.32 19.72
N ARG A 67 15.28 -9.44 19.92
CA ARG A 67 15.13 -8.72 21.18
CA ARG A 67 15.01 -8.67 21.12
C ARG A 67 14.14 -9.39 22.18
N GLY A 68 13.86 -10.66 21.94
CA GLY A 68 13.05 -11.47 22.88
C GLY A 68 11.59 -11.66 22.49
N GLY A 69 11.23 -11.29 21.27
CA GLY A 69 9.84 -11.42 20.83
C GLY A 69 8.93 -10.46 21.55
N VAL A 70 7.65 -10.81 21.63
CA VAL A 70 6.57 -10.04 22.29
C VAL A 70 5.98 -10.89 23.39
N CYS A 71 5.99 -10.40 24.62
CA CYS A 71 5.36 -11.19 25.70
C CYS A 71 6.12 -12.54 25.80
N GLY A 72 7.44 -12.55 25.51
CA GLY A 72 8.25 -13.75 25.49
C GLY A 72 7.95 -14.77 24.40
N ARG A 73 7.19 -14.34 23.39
CA ARG A 73 6.79 -15.18 22.32
C ARG A 73 7.42 -14.72 21.01
N THR A 74 7.85 -15.70 20.23
CA THR A 74 8.47 -15.45 18.93
CA THR A 74 8.45 -15.45 18.92
C THR A 74 7.39 -15.21 17.88
N ILE A 75 7.62 -14.24 17.02
CA ILE A 75 6.69 -13.96 15.92
C ILE A 75 7.08 -14.84 14.74
N GLU A 76 6.13 -15.59 14.20
CA GLU A 76 6.28 -16.44 13.02
CA GLU A 76 6.30 -16.39 13.00
C GLU A 76 5.26 -15.97 11.97
N ALA A 77 5.75 -15.49 10.85
CA ALA A 77 4.90 -15.05 9.76
C ALA A 77 4.84 -16.09 8.68
N VAL A 78 3.64 -16.59 8.40
CA VAL A 78 3.42 -17.52 7.32
CA VAL A 78 3.37 -17.54 7.33
C VAL A 78 2.97 -16.76 6.10
N VAL A 79 3.56 -17.13 4.97
CA VAL A 79 3.42 -16.37 3.74
C VAL A 79 2.73 -17.17 2.68
N ARG A 80 1.66 -16.61 2.11
CA ARG A 80 0.95 -17.18 0.98
CA ARG A 80 0.97 -17.19 0.98
C ARG A 80 0.90 -16.20 -0.20
N ASP A 81 0.98 -16.75 -1.40
CA ASP A 81 0.98 -15.98 -2.66
C ASP A 81 -0.36 -16.14 -3.35
N HIS A 82 -1.17 -15.09 -3.44
CA HIS A 82 -2.41 -15.15 -4.19
C HIS A 82 -2.26 -14.76 -5.64
N GLY A 83 -1.08 -14.28 -6.07
CA GLY A 83 -0.82 -14.00 -7.46
C GLY A 83 -1.63 -12.84 -8.03
N TYR A 84 -2.12 -11.97 -7.16
CA TYR A 84 -3.06 -10.90 -7.52
C TYR A 84 -4.34 -11.46 -8.17
N ASP A 85 -4.88 -12.47 -7.49
CA ASP A 85 -6.16 -13.08 -7.87
CA ASP A 85 -6.14 -13.12 -7.88
C ASP A 85 -7.08 -13.23 -6.65
N PRO A 86 -8.30 -12.63 -6.72
CA PRO A 86 -9.20 -12.66 -5.54
C PRO A 86 -9.71 -14.04 -5.09
N GLN A 87 -9.99 -14.94 -6.03
CA GLN A 87 -10.40 -16.28 -5.63
C GLN A 87 -9.29 -17.00 -4.87
N LYS A 88 -8.07 -16.89 -5.34
CA LYS A 88 -6.96 -17.52 -4.63
CA LYS A 88 -6.95 -17.54 -4.65
C LYS A 88 -6.78 -16.91 -3.23
N ALA A 89 -6.93 -15.59 -3.14
CA ALA A 89 -6.87 -14.91 -1.83
C ALA A 89 -7.88 -15.47 -0.85
N VAL A 90 -9.11 -15.71 -1.31
CA VAL A 90 -10.13 -16.33 -0.49
C VAL A 90 -9.76 -17.72 0.02
N SER A 91 -9.32 -18.55 -0.88
CA SER A 91 -8.83 -19.87 -0.54
CA SER A 91 -8.89 -19.87 -0.47
C SER A 91 -7.70 -19.77 0.51
N ILE A 92 -6.75 -18.84 0.29
CA ILE A 92 -5.66 -18.63 1.24
C ILE A 92 -6.20 -18.17 2.58
N TYR A 93 -7.17 -17.23 2.57
CA TYR A 93 -7.73 -16.76 3.81
C TYR A 93 -8.28 -17.95 4.59
N THR A 94 -9.01 -18.82 3.94
CA THR A 94 -9.65 -19.91 4.67
C THR A 94 -8.61 -20.92 5.17
N GLU A 95 -7.44 -20.98 4.55
CA GLU A 95 -6.34 -21.83 5.03
CA GLU A 95 -6.38 -21.85 5.05
C GLU A 95 -5.59 -21.23 6.21
N LEU A 96 -5.68 -19.93 6.38
CA LEU A 96 -4.95 -19.27 7.44
C LEU A 96 -5.82 -18.93 8.61
N ASN A 97 -7.14 -18.73 8.43
CA ASN A 97 -7.88 -17.91 9.40
CA ASN A 97 -7.81 -17.88 9.40
C ASN A 97 -8.01 -18.52 10.77
N ASN A 98 -7.96 -19.84 10.85
CA ASN A 98 -8.13 -20.43 12.15
C ASN A 98 -6.81 -20.60 12.89
N ASN A 99 -5.67 -20.25 12.25
CA ASN A 99 -4.31 -20.57 12.76
CA ASN A 99 -4.37 -20.57 12.81
C ASN A 99 -3.32 -19.43 12.82
N VAL A 100 -3.78 -18.21 12.50
CA VAL A 100 -2.99 -17.01 12.67
C VAL A 100 -3.79 -16.04 13.52
N LEU A 101 -3.13 -15.19 14.25
CA LEU A 101 -3.83 -14.24 15.08
C LEU A 101 -4.35 -13.04 14.28
N ALA A 102 -3.56 -12.57 13.35
CA ALA A 102 -3.79 -11.36 12.58
C ALA A 102 -3.11 -11.53 11.23
N ILE A 103 -3.45 -10.65 10.30
CA ILE A 103 -2.89 -10.61 8.93
C ILE A 103 -2.31 -9.23 8.71
N PRO A 104 -1.01 -9.05 9.05
CA PRO A 104 -0.40 -7.73 8.91
C PRO A 104 0.06 -7.30 7.54
N HIS A 105 -0.11 -8.19 6.55
CA HIS A 105 0.05 -7.80 5.16
C HIS A 105 -0.89 -8.62 4.32
N PHE A 106 -1.84 -7.94 3.67
CA PHE A 106 -2.76 -8.56 2.72
C PHE A 106 -2.75 -7.65 1.49
N LEU A 107 -2.09 -8.07 0.42
CA LEU A 107 -1.91 -7.21 -0.75
C LEU A 107 -3.18 -7.21 -1.61
N GLY A 108 -3.59 -6.03 -2.03
CA GLY A 108 -4.54 -5.92 -3.11
C GLY A 108 -5.98 -5.60 -2.71
N SER A 109 -6.59 -4.60 -3.37
CA SER A 109 -7.93 -4.16 -3.01
C SER A 109 -8.99 -5.23 -3.28
N PRO A 110 -9.05 -5.79 -4.48
CA PRO A 110 -10.12 -6.79 -4.68
C PRO A 110 -9.94 -8.03 -3.84
N VAL A 112 -8.69 -8.26 -0.66
CA VAL A 112 -9.20 -8.03 0.68
C VAL A 112 -10.74 -7.84 0.62
N SER A 113 -11.26 -7.18 -0.39
CA SER A 113 -12.74 -7.03 -0.53
C SER A 113 -13.41 -8.36 -0.52
N ALA A 114 -12.82 -9.37 -1.16
CA ALA A 114 -13.44 -10.67 -1.29
C ALA A 114 -13.59 -11.38 0.06
N VAL A 115 -12.78 -11.00 1.04
CA VAL A 115 -12.80 -11.64 2.35
C VAL A 115 -13.22 -10.69 3.46
N LYS A 116 -13.76 -9.53 3.09
CA LYS A 116 -14.14 -8.51 4.07
CA LYS A 116 -14.13 -8.51 4.06
C LYS A 116 -15.18 -9.05 5.06
N GLN A 117 -16.20 -9.75 4.56
CA GLN A 117 -17.19 -10.29 5.46
C GLN A 117 -16.61 -11.31 6.44
N ARG A 118 -15.73 -12.15 5.94
CA ARG A 118 -15.09 -13.13 6.82
CA ARG A 118 -15.08 -13.13 6.81
C ARG A 118 -14.16 -12.45 7.87
N ILE A 119 -13.45 -11.42 7.43
CA ILE A 119 -12.58 -10.66 8.34
C ILE A 119 -13.40 -10.12 9.48
N GLU A 120 -14.59 -9.59 9.12
CA GLU A 120 -15.43 -9.00 10.16
C GLU A 120 -15.94 -10.07 11.14
N SER A 121 -16.38 -11.21 10.58
CA SER A 121 -16.90 -12.28 11.39
CA SER A 121 -16.89 -12.30 11.38
C SER A 121 -15.84 -12.87 12.29
N ASP A 122 -14.63 -12.96 11.76
CA ASP A 122 -13.48 -13.57 12.45
C ASP A 122 -12.79 -12.59 13.39
N LYS A 123 -13.11 -11.31 13.33
CA LYS A 123 -12.44 -10.24 14.07
C LYS A 123 -10.94 -10.21 13.76
N PHE A 125 -7.65 -8.75 12.62
CA PHE A 125 -6.94 -7.52 12.34
C PHE A 125 -6.15 -7.68 11.08
N THR A 126 -6.39 -6.86 10.08
CA THR A 126 -5.84 -6.95 8.76
C THR A 126 -5.27 -5.62 8.37
N ILE A 127 -4.01 -5.59 7.89
CA ILE A 127 -3.41 -4.40 7.39
C ILE A 127 -3.14 -4.58 5.92
N PRO A 128 -4.04 -4.07 5.06
CA PRO A 128 -3.79 -4.23 3.62
C PRO A 128 -2.66 -3.38 3.06
N SER A 129 -2.07 -3.87 1.99
CA SER A 129 -1.34 -2.99 1.00
C SER A 129 -2.32 -2.81 -0.17
N ALA A 130 -3.26 -1.90 0.07
CA ALA A 130 -4.45 -1.67 -0.68
C ALA A 130 -5.13 -0.43 -0.08
N TRP A 131 -5.54 0.48 -0.92
CA TRP A 131 -5.98 1.78 -0.44
C TRP A 131 -7.34 2.23 -0.99
N THR A 132 -8.15 1.26 -1.39
CA THR A 132 -9.50 1.57 -1.76
C THR A 132 -10.34 2.01 -0.55
N THR A 133 -11.29 2.92 -0.81
CA THR A 133 -12.30 3.28 0.17
C THR A 133 -13.23 2.11 0.47
N ALA A 134 -13.24 1.09 -0.38
CA ALA A 134 -14.06 -0.05 -0.11
C ALA A 134 -13.64 -0.81 1.13
N LEU A 135 -12.42 -0.53 1.65
CA LEU A 135 -11.91 -1.17 2.86
C LEU A 135 -12.04 -0.31 4.11
N LEU A 136 -12.52 0.94 3.97
CA LEU A 136 -12.90 1.72 5.12
C LEU A 136 -14.18 1.17 5.73
N GLY A 137 -14.44 1.53 6.96
CA GLY A 137 -15.68 1.15 7.63
C GLY A 137 -15.63 -0.16 8.34
N SER A 138 -14.46 -0.74 8.49
CA SER A 138 -14.32 -1.98 9.27
C SER A 138 -13.40 -1.79 10.42
N LYS A 139 -13.82 -2.06 11.65
CA LYS A 139 -12.97 -1.94 12.82
CA LYS A 139 -12.97 -1.93 12.81
C LYS A 139 -11.68 -2.74 12.63
N TYR A 140 -11.81 -3.88 11.97
CA TYR A 140 -10.71 -4.83 11.92
C TYR A 140 -9.74 -4.60 10.81
N ILE A 141 -10.03 -3.70 9.86
CA ILE A 141 -9.15 -3.44 8.73
C ILE A 141 -8.55 -2.07 8.88
N GLN A 142 -7.23 -1.96 8.97
CA GLN A 142 -6.58 -0.66 8.96
C GLN A 142 -6.10 -0.30 7.59
N VAL A 143 -6.79 0.64 6.94
CA VAL A 143 -6.30 1.20 5.70
C VAL A 143 -5.28 2.24 6.08
N THR A 144 -4.04 2.00 5.67
CA THR A 144 -2.96 2.93 6.03
C THR A 144 -2.95 4.14 5.10
N GLY A 145 -2.28 5.21 5.47
CA GLY A 145 -2.09 6.31 4.56
C GLY A 145 -3.40 6.94 4.11
N THR A 146 -3.37 7.43 2.89
CA THR A 146 -4.53 7.97 2.20
C THR A 146 -5.26 6.87 1.44
N THR A 147 -6.48 7.14 1.02
CA THR A 147 -7.16 6.34 0.04
C THR A 147 -6.88 6.84 -1.36
N TYR A 148 -7.16 5.99 -2.35
CA TYR A 148 -6.77 6.27 -3.71
C TYR A 148 -7.37 7.52 -4.29
N ASP A 149 -8.66 7.76 -3.96
CA ASP A 149 -9.38 8.95 -4.38
C ASP A 149 -8.73 10.23 -3.89
N VAL A 150 -8.41 10.26 -2.59
CA VAL A 150 -7.72 11.40 -2.03
C VAL A 150 -6.38 11.63 -2.70
N ASP A 151 -5.62 10.57 -3.03
CA ASP A 151 -4.36 10.76 -3.74
C ASP A 151 -4.58 11.42 -5.11
N ILE A 153 -7.14 13.32 -5.97
CA ILE A 153 -7.60 14.71 -5.78
C ILE A 153 -6.40 15.63 -5.54
N ASN A 154 -5.56 15.21 -4.58
CA ASN A 154 -4.31 15.94 -4.32
C ASN A 154 -3.46 16.06 -5.58
N GLY A 155 -3.32 14.95 -6.30
CA GLY A 155 -2.50 14.95 -7.47
C GLY A 155 -2.98 15.82 -8.60
N VAL A 156 -4.30 15.84 -8.87
CA VAL A 156 -4.87 16.73 -9.86
C VAL A 156 -4.75 18.18 -9.43
N GLN A 157 -4.99 18.46 -8.17
CA GLN A 157 -4.79 19.82 -7.70
C GLN A 157 -3.35 20.25 -7.92
N TRP A 158 -2.40 19.34 -7.68
CA TRP A 158 -0.98 19.60 -7.94
C TRP A 158 -0.71 19.86 -9.40
N LEU A 159 -1.28 19.05 -10.29
CA LEU A 159 -1.10 19.31 -11.72
C LEU A 159 -1.54 20.72 -12.11
N ASP A 161 -1.87 23.36 -9.97
CA ASP A 161 -1.00 24.31 -9.31
C ASP A 161 0.32 24.48 -10.04
N LYS A 162 0.80 23.41 -10.65
CA LYS A 162 2.04 23.43 -11.40
C LYS A 162 1.89 23.81 -12.86
N LYS A 163 0.65 24.18 -13.26
CA LYS A 163 0.35 24.66 -14.61
CA LYS A 163 0.34 24.65 -14.62
C LYS A 163 0.58 23.57 -15.67
N LEU A 164 0.56 22.32 -15.25
CA LEU A 164 0.64 21.21 -16.17
C LEU A 164 -0.72 20.93 -16.82
N ILE A 165 -1.78 21.42 -16.17
CA ILE A 165 -3.12 21.46 -16.73
C ILE A 165 -3.71 22.82 -16.36
N LYS A 166 -4.80 23.15 -17.04
CA LYS A 166 -5.55 24.37 -16.78
C LYS A 166 -7.03 24.09 -16.91
N LYS A 167 -7.86 25.00 -16.38
CA LYS A 167 -9.29 24.85 -16.47
C LYS A 167 -9.70 24.60 -17.91
N GLY A 168 -10.61 23.63 -18.12
CA GLY A 168 -11.08 23.27 -19.44
C GLY A 168 -10.35 22.11 -20.07
N ASP A 169 -9.21 21.70 -19.49
CA ASP A 169 -8.40 20.57 -20.00
C ASP A 169 -9.08 19.25 -19.73
N LYS A 170 -8.55 18.22 -20.37
CA LYS A 170 -9.06 16.87 -20.30
C LYS A 170 -8.01 15.90 -19.71
N LEU A 171 -8.44 15.12 -18.73
CA LEU A 171 -7.64 14.07 -18.13
C LEU A 171 -8.06 12.75 -18.70
N GLY A 172 -7.09 11.92 -19.09
CA GLY A 172 -7.36 10.54 -19.46
C GLY A 172 -6.90 9.62 -18.40
N HIS A 173 -7.79 8.83 -17.81
CA HIS A 173 -7.42 7.96 -16.69
C HIS A 173 -7.60 6.51 -17.09
N VAL A 174 -6.46 5.82 -17.18
CA VAL A 174 -6.40 4.41 -17.45
C VAL A 174 -6.41 3.70 -16.11
N TYR A 175 -7.34 2.78 -15.85
CA TYR A 175 -7.51 2.28 -14.48
C TYR A 175 -7.87 0.83 -14.46
N PHE A 176 -7.33 0.09 -13.47
CA PHE A 176 -7.75 -1.24 -13.21
C PHE A 176 -9.22 -1.20 -12.74
N GLU A 177 -10.07 -1.93 -13.43
CA GLU A 177 -11.48 -2.02 -13.09
CA GLU A 177 -11.48 -2.04 -13.07
C GLU A 177 -11.65 -2.48 -11.64
N GLY A 178 -12.66 -1.92 -10.97
CA GLY A 178 -13.00 -2.32 -9.63
C GLY A 178 -12.37 -1.44 -8.54
N ASP A 179 -12.19 -2.02 -7.37
CA ASP A 179 -11.88 -1.29 -6.14
C ASP A 179 -10.71 -0.35 -6.20
N TYR A 180 -9.63 -0.76 -6.86
CA TYR A 180 -8.41 0.06 -6.88
C TYR A 180 -8.59 1.19 -7.92
N GLY A 181 -8.64 0.84 -9.20
CA GLY A 181 -8.72 1.88 -10.20
C GLY A 181 -9.96 2.72 -10.10
N GLY A 182 -11.08 2.08 -9.72
CA GLY A 182 -12.35 2.79 -9.58
C GLY A 182 -12.33 3.77 -8.45
N SER A 183 -11.63 3.48 -7.36
CA SER A 183 -11.49 4.44 -6.27
C SER A 183 -10.64 5.62 -6.71
N ALA A 184 -9.50 5.33 -7.37
CA ALA A 184 -8.71 6.42 -7.89
C ALA A 184 -9.55 7.32 -8.80
N LEU A 185 -10.23 6.66 -9.73
CA LEU A 185 -11.07 7.36 -10.71
C LEU A 185 -12.15 8.27 -10.07
N ARG A 186 -12.69 7.79 -8.97
CA ARG A 186 -13.63 8.62 -8.23
C ARG A 186 -13.01 9.94 -7.84
N GLY A 187 -11.78 9.89 -7.35
CA GLY A 187 -11.05 11.11 -6.99
C GLY A 187 -10.77 11.99 -8.20
N THR A 188 -10.31 11.40 -9.29
CA THR A 188 -10.12 12.15 -10.53
C THR A 188 -11.38 12.93 -10.90
N LYS A 189 -12.52 12.24 -10.89
CA LYS A 189 -13.78 12.83 -11.34
CA LYS A 189 -13.78 12.81 -11.34
C LYS A 189 -14.24 13.90 -10.39
N TYR A 190 -13.99 13.74 -9.09
CA TYR A 190 -14.36 14.80 -8.13
C TYR A 190 -13.56 16.04 -8.41
N ALA A 191 -12.24 15.85 -8.51
CA ALA A 191 -11.38 16.97 -8.81
C ALA A 191 -11.77 17.65 -10.13
N ALA A 192 -12.06 16.86 -11.13
CA ALA A 192 -12.41 17.41 -12.45
C ALA A 192 -13.72 18.23 -12.38
N GLU A 193 -14.68 17.73 -11.65
CA GLU A 193 -15.92 18.50 -11.48
CA GLU A 193 -15.92 18.49 -11.48
C GLU A 193 -15.67 19.81 -10.77
N GLN A 194 -14.86 19.76 -9.72
CA GLN A 194 -14.61 20.96 -8.93
CA GLN A 194 -14.60 20.96 -8.94
C GLN A 194 -13.78 21.98 -9.67
N LEU A 195 -12.81 21.53 -10.48
CA LEU A 195 -11.83 22.36 -11.15
C LEU A 195 -12.17 22.69 -12.57
N GLY A 196 -13.25 22.14 -13.12
CA GLY A 196 -13.61 22.49 -14.49
C GLY A 196 -12.83 21.74 -15.55
N LEU A 197 -12.61 20.45 -15.32
CA LEU A 197 -11.87 19.57 -16.23
C LEU A 197 -12.79 18.50 -16.77
N GLU A 198 -12.49 17.98 -17.93
CA GLU A 198 -13.18 16.83 -18.49
C GLU A 198 -12.36 15.55 -18.18
N VAL A 199 -13.00 14.40 -18.16
CA VAL A 199 -12.34 13.12 -17.92
C VAL A 199 -12.69 12.12 -19.00
N PHE A 200 -11.71 11.46 -19.56
CA PHE A 200 -11.86 10.37 -20.47
C PHE A 200 -11.39 9.12 -19.74
N GLU A 201 -12.25 8.13 -19.63
CA GLU A 201 -12.03 6.95 -18.81
C GLU A 201 -11.68 5.70 -19.62
N LEU A 202 -10.65 4.96 -19.22
CA LEU A 202 -10.18 3.79 -19.96
C LEU A 202 -10.02 2.65 -19.00
N PRO A 203 -11.00 1.80 -18.80
CA PRO A 203 -10.84 0.65 -17.93
C PRO A 203 -9.93 -0.42 -18.53
N ILE A 204 -9.11 -1.04 -17.68
CA ILE A 204 -8.21 -2.13 -18.07
C ILE A 204 -8.29 -3.19 -16.97
N LYS A 205 -7.71 -4.32 -17.28
CA LYS A 205 -7.54 -5.41 -16.32
C LYS A 205 -6.04 -5.65 -16.06
N PRO A 206 -5.71 -6.30 -14.93
CA PRO A 206 -4.30 -6.54 -14.63
C PRO A 206 -3.59 -7.42 -15.63
N THR A 207 -4.36 -8.21 -16.36
CA THR A 207 -3.86 -9.07 -17.43
C THR A 207 -3.66 -8.34 -18.77
N ASP A 208 -3.96 -7.04 -18.83
CA ASP A 208 -3.66 -6.24 -20.01
C ASP A 208 -2.21 -5.76 -19.89
N ARG A 209 -1.33 -6.37 -20.67
CA ARG A 209 0.11 -6.22 -20.57
C ARG A 209 0.59 -5.08 -21.45
N ASP A 210 -0.12 -4.80 -22.50
CA ASP A 210 0.33 -3.90 -23.56
C ASP A 210 -0.62 -2.74 -23.63
N LYS A 212 -0.70 -0.22 -25.88
CA LYS A 212 -0.70 0.58 -27.08
CA LYS A 212 -0.73 0.40 -27.21
C LYS A 212 -2.08 1.03 -27.56
N SER A 213 -3.14 0.24 -27.37
CA SER A 213 -4.45 0.69 -27.75
C SER A 213 -4.94 1.81 -26.83
N GLN A 214 -4.55 1.74 -25.55
CA GLN A 214 -4.90 2.81 -24.63
C GLN A 214 -4.21 4.11 -25.01
N VAL A 215 -2.93 4.02 -25.37
CA VAL A 215 -2.22 5.21 -25.83
C VAL A 215 -2.87 5.81 -27.08
N ALA A 216 -3.24 4.95 -28.03
CA ALA A 216 -3.91 5.43 -29.23
C ALA A 216 -5.20 6.17 -28.87
N ALA A 217 -5.96 5.61 -27.93
CA ALA A 217 -7.21 6.23 -27.55
C ALA A 217 -6.97 7.58 -26.85
N LEU A 218 -5.98 7.64 -25.95
CA LEU A 218 -5.61 8.89 -25.29
C LEU A 218 -5.25 9.98 -26.29
N ALA A 219 -4.49 9.62 -27.32
CA ALA A 219 -4.09 10.55 -28.34
C ALA A 219 -5.31 11.01 -29.14
N LYS A 220 -6.17 10.07 -29.52
CA LYS A 220 -7.37 10.44 -30.28
C LYS A 220 -8.25 11.43 -29.54
N GLU A 221 -8.34 11.25 -28.23
CA GLU A 221 -9.08 12.15 -27.37
C GLU A 221 -8.39 13.46 -27.06
N LYS A 222 -7.14 13.60 -27.44
CA LYS A 222 -6.39 14.82 -27.24
CA LYS A 222 -6.37 14.81 -27.23
C LYS A 222 -6.37 15.20 -25.76
N VAL A 223 -6.05 14.24 -24.91
CA VAL A 223 -5.99 14.54 -23.49
C VAL A 223 -4.82 15.48 -23.19
N ASP A 224 -4.89 16.17 -22.06
CA ASP A 224 -3.84 17.05 -21.59
C ASP A 224 -2.98 16.44 -20.51
N ALA A 225 -3.47 15.40 -19.86
CA ALA A 225 -2.71 14.70 -18.83
C ALA A 225 -3.21 13.30 -18.82
N ILE A 226 -2.32 12.37 -18.46
CA ILE A 226 -2.61 10.94 -18.44
C ILE A 226 -2.50 10.48 -17.01
N LEU A 227 -3.50 9.84 -16.47
CA LEU A 227 -3.52 9.27 -15.13
C LEU A 227 -3.57 7.78 -15.27
N LEU A 228 -2.86 7.09 -14.36
CA LEU A 228 -2.72 5.64 -14.43
C LEU A 228 -2.88 5.01 -13.08
N SER A 229 -3.83 4.10 -12.94
CA SER A 229 -3.99 3.29 -11.76
C SER A 229 -3.90 1.84 -12.17
N ALA A 230 -2.67 1.35 -12.11
CA ALA A 230 -2.31 0.02 -12.60
C ALA A 230 -0.99 -0.34 -11.90
N GLY A 231 -0.30 -1.34 -12.42
CA GLY A 231 0.94 -1.79 -11.84
C GLY A 231 2.11 -1.42 -12.69
N PRO A 232 3.31 -1.89 -12.26
CA PRO A 232 4.55 -1.51 -12.94
C PRO A 232 4.58 -1.84 -14.43
N GLN A 233 4.11 -3.03 -14.80
CA GLN A 233 4.13 -3.43 -16.19
CA GLN A 233 4.10 -3.48 -16.19
C GLN A 233 3.35 -2.47 -17.07
N GLN A 234 2.16 -2.07 -16.63
CA GLN A 234 1.33 -1.13 -17.37
C GLN A 234 1.98 0.23 -17.45
N ALA A 235 2.59 0.67 -16.35
CA ALA A 235 3.27 1.97 -16.37
C ALA A 235 4.40 2.00 -17.39
N ALA A 236 5.23 0.95 -17.42
CA ALA A 236 6.34 0.90 -18.38
C ALA A 236 5.81 0.96 -19.78
N SER A 237 4.76 0.17 -20.07
CA SER A 237 4.22 0.07 -21.42
C SER A 237 3.60 1.42 -21.82
N LEU A 238 2.73 1.97 -20.97
CA LEU A 238 2.05 3.20 -21.31
CA LEU A 238 2.04 3.22 -21.29
C LEU A 238 3.03 4.36 -21.50
N ALA A 239 3.96 4.50 -20.55
CA ALA A 239 4.89 5.63 -20.62
C ALA A 239 5.77 5.49 -21.85
N GLY A 240 6.32 4.28 -22.05
CA GLY A 240 7.20 4.09 -23.20
C GLY A 240 6.50 4.31 -24.51
N ILE A 241 5.30 3.75 -24.69
CA ILE A 241 4.60 3.93 -25.94
C ILE A 241 4.23 5.40 -26.13
N ALA A 242 3.69 6.05 -25.09
CA ALA A 242 3.31 7.45 -25.21
C ALA A 242 4.48 8.29 -25.68
N ARG A 243 5.67 8.11 -25.05
CA ARG A 243 6.78 8.97 -25.44
C ARG A 243 7.30 8.63 -26.84
N SER A 244 7.19 7.36 -27.23
CA SER A 244 7.62 6.95 -28.59
C SER A 244 6.70 7.50 -29.66
N GLN A 245 5.48 7.96 -29.27
CA GLN A 245 4.50 8.59 -30.13
C GLN A 245 4.61 10.09 -30.11
N GLY A 246 5.58 10.66 -29.39
CA GLY A 246 5.74 12.09 -29.32
C GLY A 246 4.78 12.78 -28.36
N LYS A 248 3.54 14.50 -25.11
CA LYS A 248 4.25 15.27 -24.10
CA LYS A 248 4.24 15.30 -24.11
C LYS A 248 3.46 15.50 -22.82
N GLN A 249 2.27 14.93 -22.75
CA GLN A 249 1.43 15.11 -21.56
C GLN A 249 2.09 14.55 -20.33
N PRO A 250 1.94 15.18 -19.19
CA PRO A 250 2.42 14.53 -17.97
C PRO A 250 1.62 13.28 -17.66
N ILE A 251 2.28 12.32 -17.01
CA ILE A 251 1.69 11.11 -16.49
C ILE A 251 1.69 11.14 -15.01
N LEU A 252 0.54 10.87 -14.38
CA LEU A 252 0.39 10.81 -12.93
C LEU A 252 -0.16 9.47 -12.56
N GLY A 253 0.58 8.68 -11.79
CA GLY A 253 0.18 7.38 -11.37
C GLY A 253 -0.22 7.27 -9.93
N SER A 254 -1.03 6.27 -9.65
CA SER A 254 -1.31 5.86 -8.31
C SER A 254 -0.02 5.19 -7.72
N ASN A 255 -0.09 4.90 -6.43
CA ASN A 255 1.14 4.63 -5.69
C ASN A 255 1.91 3.40 -6.08
N SER A 256 1.28 2.46 -6.78
CA SER A 256 1.90 1.18 -7.13
C SER A 256 2.22 1.08 -8.61
N ALA A 257 2.06 2.15 -9.37
CA ALA A 257 2.25 2.14 -10.82
C ALA A 257 3.74 2.37 -11.19
N TYR A 258 4.65 1.67 -10.50
CA TYR A 258 6.11 1.85 -10.65
C TYR A 258 6.80 0.85 -9.76
N SER A 259 7.93 0.31 -10.27
CA SER A 259 8.92 -0.42 -9.49
C SER A 259 10.28 0.02 -10.03
N PRO A 260 11.30 0.09 -9.16
CA PRO A 260 12.61 0.47 -9.64
C PRO A 260 13.24 -0.50 -10.63
N GLN A 261 12.77 -1.73 -10.67
CA GLN A 261 13.23 -2.66 -11.68
C GLN A 261 13.01 -2.11 -13.09
N LEU A 262 11.95 -1.31 -13.26
CA LEU A 262 11.66 -0.77 -14.58
C LEU A 262 12.80 0.13 -15.12
N LEU A 263 13.62 0.66 -14.22
CA LEU A 263 14.73 1.52 -14.64
C LEU A 263 15.86 0.75 -15.30
N ALA A 264 15.86 -0.57 -15.15
CA ALA A 264 16.83 -1.44 -15.79
C ALA A 264 16.31 -1.96 -17.10
N THR A 265 15.23 -1.37 -17.62
CA THR A 265 14.63 -1.72 -18.89
C THR A 265 14.62 -0.49 -19.80
N PRO A 266 14.25 -0.66 -21.06
CA PRO A 266 14.21 0.47 -21.94
C PRO A 266 13.11 1.49 -21.60
N ALA A 267 12.24 1.22 -20.64
CA ALA A 267 11.28 2.20 -20.21
C ALA A 267 11.88 3.33 -19.43
N LYS A 268 13.13 3.17 -18.98
CA LYS A 268 13.74 4.16 -18.08
CA LYS A 268 13.75 4.15 -18.09
C LYS A 268 13.58 5.62 -18.52
N PRO A 269 13.94 5.98 -19.75
CA PRO A 269 13.83 7.38 -20.14
C PRO A 269 12.40 7.94 -20.09
N ALA A 270 11.42 7.06 -20.25
CA ALA A 270 10.01 7.45 -20.17
C ALA A 270 9.47 7.46 -18.74
N LEU A 271 10.31 7.12 -17.77
CA LEU A 271 9.91 7.14 -16.38
C LEU A 271 10.63 8.22 -15.59
N VAL A 272 11.84 8.64 -15.99
CA VAL A 272 12.63 9.59 -15.19
C VAL A 272 12.43 11.04 -15.55
N GLU A 273 11.57 11.29 -16.53
CA GLU A 273 11.01 12.61 -16.77
C GLU A 273 9.56 12.51 -17.18
N GLY A 274 8.75 13.43 -16.71
CA GLY A 274 7.34 13.51 -17.12
C GLY A 274 6.41 12.51 -16.49
N PHE A 275 6.86 11.79 -15.49
CA PHE A 275 6.13 10.70 -14.87
C PHE A 275 6.19 10.87 -13.36
N PHE A 276 5.02 11.06 -12.75
CA PHE A 276 4.91 11.35 -11.36
C PHE A 276 3.99 10.35 -10.69
N ILE A 277 4.19 10.12 -9.40
CA ILE A 277 3.41 9.18 -8.61
CA ILE A 277 3.43 9.19 -8.62
C ILE A 277 2.88 9.88 -7.38
N ALA A 278 1.57 9.77 -7.17
CA ALA A 278 0.90 10.30 -5.97
C ALA A 278 0.85 9.17 -4.95
N THR A 279 1.45 9.40 -3.78
CA THR A 279 1.52 8.37 -2.77
C THR A 279 1.62 8.97 -1.39
N ALA A 280 0.98 8.35 -0.40
CA ALA A 280 1.10 8.77 0.99
C ALA A 280 2.44 8.32 1.61
N GLY A 281 3.17 7.40 0.95
CA GLY A 281 4.40 6.85 1.50
C GLY A 281 5.64 7.56 1.02
N ALA A 282 6.57 7.76 1.95
CA ALA A 282 7.84 8.35 1.60
C ALA A 282 8.70 7.32 0.85
N PRO A 283 9.46 7.78 -0.14
CA PRO A 283 10.40 6.89 -0.77
C PRO A 283 11.67 6.68 0.10
N SER A 285 14.66 7.43 -0.38
CA SER A 285 15.55 8.58 -0.46
C SER A 285 15.18 9.72 0.45
N ALA A 286 14.05 9.63 1.14
CA ALA A 286 13.66 10.73 2.02
C ALA A 286 14.68 10.94 3.15
N ASP A 287 14.83 12.19 3.54
CA ASP A 287 15.83 12.55 4.57
C ASP A 287 15.20 12.39 5.94
N LEU A 288 15.04 11.14 6.35
CA LEU A 288 14.49 10.79 7.66
C LEU A 288 15.38 9.73 8.28
N PRO A 289 15.70 9.87 9.56
CA PRO A 289 16.61 8.89 10.19
C PRO A 289 16.11 7.46 10.13
N ALA A 290 14.81 7.23 10.28
CA ALA A 290 14.31 5.87 10.27
C ALA A 290 14.37 5.27 8.87
N ILE A 291 14.22 6.12 7.86
CA ILE A 291 14.33 5.65 6.47
C ILE A 291 15.76 5.22 6.17
N LYS A 292 16.73 6.05 6.55
CA LYS A 292 18.15 5.72 6.37
CA LYS A 292 18.16 5.72 6.35
C LYS A 292 18.54 4.42 7.10
N LYS A 293 18.07 4.28 8.32
CA LYS A 293 18.31 3.06 9.10
C LYS A 293 17.72 1.83 8.43
N LEU A 294 16.50 1.97 7.93
CA LEU A 294 15.83 0.88 7.22
C LEU A 294 16.60 0.50 5.94
N ALA A 295 17.01 1.50 5.19
CA ALA A 295 17.75 1.24 3.96
C ALA A 295 18.99 0.40 4.26
N GLU A 296 19.69 0.75 5.33
CA GLU A 296 20.89 0.03 5.69
C GLU A 296 20.61 -1.37 6.19
N ALA A 297 19.57 -1.47 7.04
CA ALA A 297 19.23 -2.78 7.57
C ALA A 297 18.74 -3.75 6.50
N TYR A 298 17.84 -3.26 5.64
CA TYR A 298 17.32 -4.10 4.58
C TYR A 298 18.39 -4.52 3.58
N SER A 299 19.19 -3.55 3.15
CA SER A 299 20.31 -3.84 2.23
CA SER A 299 20.28 -3.87 2.21
C SER A 299 21.27 -4.91 2.78
N LYS A 300 21.51 -4.84 4.09
CA LYS A 300 22.38 -5.84 4.74
C LYS A 300 21.77 -7.24 4.69
N LYS A 301 20.48 -7.35 4.95
CA LYS A 301 19.82 -8.65 5.00
CA LYS A 301 19.82 -8.65 5.00
C LYS A 301 19.58 -9.21 3.61
N TYR A 302 19.23 -8.32 2.67
CA TYR A 302 18.79 -8.71 1.34
C TYR A 302 19.58 -7.93 0.28
N PRO A 303 20.89 -8.22 0.14
CA PRO A 303 21.75 -7.42 -0.74
C PRO A 303 21.38 -7.45 -2.24
N LYS A 304 20.67 -8.49 -2.70
CA LYS A 304 20.37 -8.67 -4.12
CA LYS A 304 20.38 -8.66 -4.13
C LYS A 304 18.97 -8.17 -4.52
N ASP A 305 18.24 -7.61 -3.55
CA ASP A 305 16.85 -7.20 -3.81
C ASP A 305 16.77 -5.70 -3.72
N PRO A 306 16.51 -5.03 -4.82
CA PRO A 306 16.58 -3.59 -4.79
C PRO A 306 15.66 -2.96 -3.74
N LEU A 307 16.12 -1.92 -3.10
CA LEU A 307 15.28 -1.11 -2.25
C LEU A 307 14.15 -0.50 -3.07
N ASP A 308 12.96 -0.34 -2.49
CA ASP A 308 11.82 0.27 -3.16
C ASP A 308 10.85 0.73 -2.12
N SER A 309 9.76 1.34 -2.56
CA SER A 309 8.82 1.95 -1.63
CA SER A 309 8.80 1.95 -1.64
C SER A 309 7.99 0.87 -0.92
N GLY A 310 7.94 -0.36 -1.46
CA GLY A 310 7.34 -1.46 -0.77
C GLY A 310 8.09 -1.87 0.48
N VAL A 311 9.41 -1.69 0.51
CA VAL A 311 10.18 -1.95 1.72
C VAL A 311 9.65 -1.07 2.87
N VAL A 312 9.48 0.22 2.58
CA VAL A 312 8.96 1.14 3.58
C VAL A 312 7.57 0.69 4.07
N ASN A 313 6.71 0.34 3.12
CA ASN A 313 5.37 -0.09 3.42
C ASN A 313 5.32 -1.32 4.29
N GLY A 314 6.17 -2.32 3.96
CA GLY A 314 6.16 -3.52 4.77
C GLY A 314 6.72 -3.29 6.16
N TYR A 315 7.83 -2.57 6.28
CA TYR A 315 8.40 -2.33 7.58
C TYR A 315 7.39 -1.59 8.46
N GLY A 316 6.72 -0.61 7.87
CA GLY A 316 5.69 0.11 8.58
C GLY A 316 4.54 -0.74 9.04
N GLY A 317 4.08 -1.67 8.21
CA GLY A 317 2.98 -2.52 8.63
C GLY A 317 3.36 -3.42 9.78
N ALA A 318 4.59 -3.97 9.74
CA ALA A 318 5.11 -4.77 10.84
C ALA A 318 5.19 -3.92 12.11
N SER A 319 5.63 -2.70 11.99
CA SER A 319 5.72 -1.80 13.12
C SER A 319 4.33 -1.62 13.76
N ILE A 320 3.29 -1.44 12.94
CA ILE A 320 1.91 -1.27 13.43
C ILE A 320 1.46 -2.50 14.20
N VAL A 321 1.60 -3.70 13.63
CA VAL A 321 1.11 -4.87 14.31
C VAL A 321 1.89 -5.14 15.61
N VAL A 322 3.20 -4.92 15.60
CA VAL A 322 4.04 -5.15 16.79
C VAL A 322 3.65 -4.16 17.90
N SER A 323 3.44 -2.90 17.56
CA SER A 323 3.00 -1.93 18.57
CA SER A 323 3.00 -1.93 18.56
C SER A 323 1.71 -2.43 19.25
N ALA A 324 0.76 -2.92 18.45
CA ALA A 324 -0.51 -3.41 18.98
C ALA A 324 -0.29 -4.67 19.79
N LEU A 325 0.60 -5.57 19.34
CA LEU A 325 0.85 -6.78 20.07
C LEU A 325 1.48 -6.49 21.44
N GLU A 326 2.38 -5.52 21.49
CA GLU A 326 3.02 -5.15 22.74
CA GLU A 326 3.03 -5.10 22.74
C GLU A 326 2.00 -4.57 23.74
N LYS A 327 1.08 -3.73 23.28
CA LYS A 327 0.07 -3.17 24.17
CA LYS A 327 0.09 -3.18 24.17
C LYS A 327 -0.90 -4.26 24.63
N ALA A 328 -1.29 -5.15 23.71
CA ALA A 328 -2.16 -6.25 24.07
C ALA A 328 -1.52 -7.19 25.09
N CYS A 329 -0.24 -7.49 24.90
CA CYS A 329 0.57 -8.25 25.85
C CYS A 329 0.52 -7.64 27.24
N ALA A 330 0.73 -6.34 27.30
CA ALA A 330 0.77 -5.66 28.58
C ALA A 330 -0.59 -5.75 29.25
N ASN A 331 -1.68 -5.85 28.49
CA ASN A 331 -3.03 -6.10 29.04
C ASN A 331 -3.32 -7.58 29.26
N LYS A 332 -2.29 -8.41 29.09
CA LYS A 332 -2.43 -9.85 29.24
CA LYS A 332 -2.42 -9.86 29.24
C LYS A 332 -3.52 -10.45 28.35
N ASP A 333 -3.55 -9.94 27.12
CA ASP A 333 -4.68 -10.23 26.23
C ASP A 333 -4.30 -10.32 24.78
N LEU A 334 -3.63 -11.42 24.41
CA LEU A 334 -3.29 -11.70 23.01
C LEU A 334 -4.40 -12.47 22.31
N THR A 335 -5.59 -11.90 22.38
CA THR A 335 -6.78 -12.35 21.66
C THR A 335 -7.04 -11.36 20.56
N ARG A 336 -7.96 -11.72 19.67
CA ARG A 336 -8.30 -10.81 18.60
C ARG A 336 -8.96 -9.53 19.12
N GLU A 337 -9.79 -9.63 20.17
CA GLU A 337 -10.38 -8.45 20.80
CA GLU A 337 -10.37 -8.43 20.78
C GLU A 337 -9.29 -7.56 21.43
N GLY A 338 -8.35 -8.22 22.15
CA GLY A 338 -7.28 -7.48 22.81
C GLY A 338 -6.41 -6.75 21.79
N LEU A 339 -6.14 -7.43 20.68
CA LEU A 339 -5.25 -6.86 19.70
C LEU A 339 -5.86 -5.67 18.99
N ILE A 340 -7.12 -5.78 18.57
CA ILE A 340 -7.75 -4.68 17.85
C ILE A 340 -7.95 -3.48 18.76
N ASN A 341 -8.29 -3.75 20.02
CA ASN A 341 -8.49 -2.62 20.94
C ASN A 341 -7.17 -1.92 21.21
N ALA A 342 -6.05 -2.66 21.30
CA ALA A 342 -4.73 -2.08 21.44
C ALA A 342 -4.40 -1.22 20.21
N HIS A 343 -4.66 -1.76 19.01
CA HIS A 343 -4.39 -0.99 17.81
C HIS A 343 -5.22 0.32 17.76
N ARG A 344 -6.52 0.20 18.02
CA ARG A 344 -7.48 1.31 17.82
C ARG A 344 -7.43 2.31 18.97
N SER A 345 -6.55 2.09 19.95
CA SER A 345 -6.26 3.07 20.99
C SER A 345 -5.28 4.13 20.56
N GLU A 346 -4.66 3.97 19.39
CA GLU A 346 -3.57 4.88 18.95
C GLU A 346 -4.07 5.98 18.08
N ALA A 347 -4.18 7.18 18.59
CA ALA A 347 -4.61 8.37 17.87
C ALA A 347 -3.50 9.14 17.15
N ASN A 348 -2.27 8.80 17.41
CA ASN A 348 -1.13 9.63 16.99
C ASN A 348 0.06 8.77 16.64
N ALA A 349 -0.07 7.94 15.63
CA ALA A 349 1.05 7.09 15.21
C ALA A 349 2.02 7.87 14.35
N ASP A 350 3.31 7.63 14.58
CA ASP A 350 4.35 8.16 13.69
C ASP A 350 5.57 7.31 13.86
N ASP A 351 5.74 6.36 12.97
CA ASP A 351 6.85 5.41 13.01
C ASP A 351 8.17 5.98 12.46
N GLY A 352 8.20 7.26 12.12
CA GLY A 352 9.37 7.88 11.57
C GLY A 352 9.63 7.64 10.12
N LEU A 353 8.74 6.94 9.43
CA LEU A 353 8.92 6.60 8.05
C LEU A 353 8.21 7.51 7.08
N GLY A 354 7.62 8.60 7.59
CA GLY A 354 7.10 9.64 6.73
C GLY A 354 5.58 9.69 6.55
N THR A 355 4.83 8.91 7.30
CA THR A 355 3.37 8.91 7.16
C THR A 355 2.70 8.81 8.54
N PRO A 356 2.66 9.92 9.26
CA PRO A 356 1.90 9.92 10.52
C PRO A 356 0.42 9.59 10.25
N ASN A 358 -3.65 8.46 12.23
CA ASN A 358 -4.52 8.24 13.38
C ASN A 358 -5.28 6.93 13.17
N PHE A 359 -5.21 6.00 14.13
CA PHE A 359 -5.83 4.71 14.08
C PHE A 359 -7.18 4.58 14.82
N THR A 360 -7.58 5.64 15.51
CA THR A 360 -8.81 5.49 16.35
C THR A 360 -10.14 5.43 15.54
N TYR A 361 -10.05 5.91 14.32
CA TYR A 361 -11.21 5.84 13.45
CA TYR A 361 -11.19 6.09 13.38
C TYR A 361 -10.98 5.09 12.20
N PHE A 362 -12.06 4.76 11.54
CA PHE A 362 -11.99 3.96 10.32
C PHE A 362 -13.16 4.33 9.37
N ASP A 363 -13.74 5.51 9.61
CA ASP A 363 -14.78 6.03 8.75
C ASP A 363 -14.28 7.12 7.83
N LYS A 364 -12.97 7.23 7.69
CA LYS A 364 -12.30 8.24 6.87
C LYS A 364 -10.83 7.84 6.79
N PRO A 365 -10.08 8.44 5.89
CA PRO A 365 -8.69 7.99 5.78
C PRO A 365 -7.86 8.37 7.01
N ALA A 366 -6.84 7.55 7.27
CA ALA A 366 -5.91 7.72 8.37
C ALA A 366 -5.07 8.99 8.27
N THR A 367 -4.89 9.48 7.06
CA THR A 367 -4.33 10.77 6.74
C THR A 367 -4.85 11.20 5.36
N ARG A 368 -4.75 12.46 5.04
CA ARG A 368 -5.06 12.98 3.70
C ARG A 368 -3.90 13.67 3.04
N LYS A 369 -2.65 13.37 3.53
CA LYS A 369 -1.46 13.98 2.98
CA LYS A 369 -1.46 13.98 2.96
C LYS A 369 -0.81 13.04 1.93
N THR A 370 -0.58 13.59 0.75
CA THR A 370 -0.03 12.87 -0.38
C THR A 370 1.27 13.52 -0.81
N TYR A 371 2.32 12.70 -0.98
CA TYR A 371 3.56 13.12 -1.67
C TYR A 371 3.39 13.01 -3.14
N ILE A 372 4.12 13.83 -3.90
CA ILE A 372 4.33 13.53 -5.33
C ILE A 372 5.81 13.09 -5.43
N ILE A 373 6.05 11.92 -6.00
CA ILE A 373 7.37 11.40 -6.20
CA ILE A 373 7.39 11.43 -6.21
C ILE A 373 7.61 11.19 -7.68
N LYS A 374 8.86 10.98 -8.07
CA LYS A 374 9.16 10.56 -9.43
C LYS A 374 10.24 9.48 -9.40
N PRO A 375 10.24 8.59 -10.38
CA PRO A 375 11.36 7.69 -10.59
C PRO A 375 12.68 8.43 -10.78
N ASP A 376 13.77 7.87 -10.23
CA ASP A 376 15.14 8.44 -10.33
CA ASP A 376 15.12 8.44 -10.34
C ASP A 376 16.12 7.34 -10.11
N GLU A 377 16.91 7.05 -11.11
CA GLU A 377 17.87 5.97 -10.98
CA GLU A 377 17.85 5.94 -10.96
C GLU A 377 19.01 6.29 -10.01
N LYS A 378 19.22 7.57 -9.75
N LYS A 378 19.26 7.57 -9.79
CA LYS A 378 20.28 8.06 -8.87
CA LYS A 378 20.32 7.99 -8.87
C LYS A 378 19.92 8.01 -7.39
C LYS A 378 19.92 8.00 -7.39
N ALA A 379 18.68 7.72 -7.07
CA ALA A 379 18.19 7.84 -5.72
C ALA A 379 18.03 6.50 -5.06
N THR A 380 18.24 6.48 -3.75
CA THR A 380 17.96 5.30 -2.95
C THR A 380 16.48 4.95 -3.09
N GLY A 381 16.21 3.68 -3.40
CA GLY A 381 14.87 3.23 -3.62
C GLY A 381 14.27 3.60 -4.95
N GLY A 382 15.05 4.20 -5.84
CA GLY A 382 14.60 4.41 -7.22
C GLY A 382 13.60 5.53 -7.40
N ALA A 383 13.47 6.43 -6.43
CA ALA A 383 12.48 7.50 -6.50
C ALA A 383 12.91 8.63 -5.60
N VAL A 384 12.45 9.85 -5.93
CA VAL A 384 12.72 11.03 -5.11
CA VAL A 384 12.72 11.02 -5.13
C VAL A 384 11.43 11.82 -4.94
N ILE A 385 11.36 12.54 -3.83
CA ILE A 385 10.23 13.46 -3.59
C ILE A 385 10.31 14.64 -4.55
N VAL A 386 9.21 14.91 -5.21
CA VAL A 386 9.03 16.13 -6.00
C VAL A 386 8.25 17.14 -5.18
N GLU A 387 7.18 16.69 -4.51
CA GLU A 387 6.39 17.56 -3.63
C GLU A 387 6.25 16.88 -2.33
N GLN A 388 6.66 17.58 -1.27
CA GLN A 388 6.50 17.05 0.09
CA GLN A 388 6.48 17.09 0.07
C GLN A 388 5.00 16.84 0.37
N ALA A 389 4.71 15.89 1.26
CA ALA A 389 3.32 15.52 1.52
C ALA A 389 2.45 16.70 1.86
N PHE A 390 1.30 16.79 1.22
CA PHE A 390 0.38 17.89 1.39
C PHE A 390 -1.06 17.40 1.33
N GLU A 391 -1.92 18.15 1.99
CA GLU A 391 -3.37 17.98 1.92
C GLU A 391 -3.97 19.19 1.29
N SER A 392 -4.40 19.09 0.06
CA SER A 392 -5.16 20.18 -0.56
C SER A 392 -6.47 20.45 0.15
N GLU A 393 -6.91 21.69 0.09
CA GLU A 393 -8.29 22.02 0.54
CA GLU A 393 -8.26 22.03 0.57
C GLU A 393 -9.32 21.18 -0.15
N LEU A 394 -9.09 20.94 -1.43
CA LEU A 394 -9.96 20.15 -2.21
C LEU A 394 -10.13 18.76 -1.60
N ALA A 395 -9.00 18.12 -1.24
CA ALA A 395 -9.06 16.83 -0.60
C ALA A 395 -9.61 16.87 0.82
N LYS A 396 -9.32 17.96 1.54
CA LYS A 396 -9.77 18.09 2.91
C LYS A 396 -11.31 18.12 2.99
N ASN A 397 -11.99 18.74 2.02
CA ASN A 397 -13.41 18.93 2.07
C ASN A 397 -14.18 17.82 1.36
N TYR A 398 -13.48 16.98 0.61
CA TYR A 398 -14.07 15.87 -0.11
C TYR A 398 -14.66 14.89 0.86
N GLN A 399 -15.83 14.35 0.47
CA GLN A 399 -16.53 13.31 1.21
C GLN A 399 -16.07 11.94 0.80
N VAL A 400 -15.39 11.25 1.71
CA VAL A 400 -14.78 9.99 1.37
C VAL A 400 -15.83 8.90 1.62
N PRO A 401 -16.13 8.06 0.61
CA PRO A 401 -17.10 6.99 0.85
C PRO A 401 -16.56 5.93 1.78
N VAL A 402 -17.41 5.25 2.51
CA VAL A 402 -17.04 4.31 3.52
C VAL A 402 -17.52 2.93 3.18
N GLY A 403 -16.59 2.07 2.76
CA GLY A 403 -16.91 0.68 2.44
C GLY A 403 -17.39 0.40 1.02
N THR A 404 -17.40 1.43 0.19
CA THR A 404 -17.69 1.35 -1.22
C THR A 404 -16.76 2.32 -1.93
N PHE A 405 -16.81 2.35 -3.25
CA PHE A 405 -16.18 3.39 -4.07
C PHE A 405 -17.20 3.84 -5.10
#